data_4X0L
#
_entry.id   4X0L
#
_cell.length_a   96.599
_cell.length_b   96.599
_cell.length_c   132.771
_cell.angle_alpha   90.00
_cell.angle_beta   90.00
_cell.angle_gamma   120.00
#
_symmetry.space_group_name_H-M   'P 31 2 1'
#
loop_
_entity.id
_entity.type
_entity.pdbx_description
1 polymer 'Hemoglobin subunit alpha'
2 polymer 'Hemoglobin subunit beta'
3 polymer Haptoglobin
4 branched alpha-L-fucopyranose-(1-6)-2-acetamido-2-deoxy-beta-D-glucopyranose
5 non-polymer 'PROTOPORPHYRIN IX CONTAINING FE'
6 non-polymer 'OXYGEN MOLECULE'
7 non-polymer GLYCEROL
8 non-polymer 'SULFATE ION'
9 non-polymer 'CACODYLATE ION'
10 water water
#
loop_
_entity_poly.entity_id
_entity_poly.type
_entity_poly.pdbx_seq_one_letter_code
_entity_poly.pdbx_strand_id
1 'polypeptide(L)'
;VLSPADKTNVKAAWGKVGAHAGEYGAEALERMFLSFPTTKTYFPHFDLSHGSAQVKGHGKKVADALTNAVAHVDDMPNAL
SALSDLHAHKLRVDPVNFKLLSHCLLVTLAAHLPAEFTPAVHASLDKFLASVSTVLTSKYR
;
A
2 'polypeptide(L)'
;VHLTPEEKSAVTALWGKVNVDEVGGEALGRLLVVYPWTQRFFESFGDLSTPDAVMGNPKVKAHGKKVLGAFSDGLAHLDN
LKGTFATLSELHCDKLHVDPENFRLLGNVLVCVLAHHFGKEFTPPVQAAYQKVVAGVANALAHKYH
;
B
3 'polypeptide(L)'
;VCGKPKNPANPVQRILGGHLDAKGSFPWQAKMVSHHNLTTGATLINEQWLLTTAKNLFLNHSENATAKDIAPTLTLYVGK
KQLVEIEKVVLHPNYSQVDIGLIKLKQKVSVNERVMPICLPSKDYAEVGRVGYVSGWGRNANFKFTDHLKYVMLPVADQD
QCIRHYEGSTVPEKKTPKSPVGVQPILNEHTFCAGMSKYQEDTCYGDAGSAFAVHDLEEDTWYATGILSFDKSCAVAEYG
VYVKVTSIQDWVQKTIAEN
;
C
#
loop_
_chem_comp.id
_chem_comp.type
_chem_comp.name
_chem_comp.formula
CAC non-polymer 'CACODYLATE ION' 'C2 H6 As O2 -1'
FUC L-saccharide, alpha linking alpha-L-fucopyranose 'C6 H12 O5'
GOL non-polymer GLYCEROL 'C3 H8 O3'
HEM non-polymer 'PROTOPORPHYRIN IX CONTAINING FE' 'C34 H32 Fe N4 O4'
NAG D-saccharide, beta linking 2-acetamido-2-deoxy-beta-D-glucopyranose 'C8 H15 N O6'
OXY non-polymer 'OXYGEN MOLECULE' O2
SO4 non-polymer 'SULFATE ION' 'O4 S -2'
#
# COMPACT_ATOMS: atom_id res chain seq x y z
N VAL A 1 3.77 -5.65 12.51
CA VAL A 1 4.20 -5.06 13.81
C VAL A 1 5.75 -5.17 13.80
N LEU A 2 6.41 -4.30 14.54
CA LEU A 2 7.87 -4.25 14.56
C LEU A 2 8.37 -5.43 15.40
N SER A 3 9.39 -6.10 14.95
CA SER A 3 10.09 -7.03 15.78
C SER A 3 10.90 -6.35 16.89
N PRO A 4 11.28 -7.15 17.91
CA PRO A 4 12.14 -6.71 18.98
C PRO A 4 13.38 -6.06 18.44
N ALA A 5 13.97 -6.65 17.41
CA ALA A 5 15.19 -6.15 16.82
C ALA A 5 14.93 -4.81 16.14
N ASP A 6 13.79 -4.66 15.47
CA ASP A 6 13.48 -3.34 14.95
C ASP A 6 13.34 -2.30 16.00
N LYS A 7 12.61 -2.63 17.04
CA LYS A 7 12.43 -1.67 18.09
C LYS A 7 13.74 -1.21 18.70
N THR A 8 14.64 -2.14 18.91
CA THR A 8 16.00 -1.80 19.40
C THR A 8 16.74 -0.87 18.43
N ASN A 9 16.66 -1.14 17.13
CA ASN A 9 17.26 -0.27 16.11
C ASN A 9 16.70 1.15 16.18
N VAL A 10 15.40 1.23 16.31
CA VAL A 10 14.72 2.53 16.38
C VAL A 10 15.04 3.31 17.62
N LYS A 11 14.93 2.66 18.75
CA LYS A 11 15.33 3.30 20.01
C LYS A 11 16.77 3.77 20.04
N ALA A 12 17.68 3.00 19.52
CA ALA A 12 19.06 3.44 19.52
C ALA A 12 19.29 4.61 18.51
N ALA A 13 18.82 4.43 17.27
CA ALA A 13 19.01 5.48 16.27
C ALA A 13 18.38 6.76 16.73
N TRP A 14 17.23 6.70 17.37
CA TRP A 14 16.55 7.91 17.74
C TRP A 14 17.09 8.54 19.05
N GLY A 15 17.62 7.71 19.96
CA GLY A 15 18.45 8.17 21.04
C GLY A 15 19.69 8.97 20.60
N LYS A 16 20.32 8.60 19.52
CA LYS A 16 21.45 9.39 18.96
C LYS A 16 21.01 10.74 18.34
N VAL A 17 19.92 10.67 17.57
CA VAL A 17 19.30 11.87 17.07
C VAL A 17 19.16 12.87 18.23
N GLY A 18 18.70 12.37 19.38
CA GLY A 18 18.58 13.20 20.57
C GLY A 18 18.07 14.61 20.34
N ALA A 19 18.85 15.61 20.77
CA ALA A 19 18.38 17.00 20.66
C ALA A 19 18.33 17.62 19.25
N HIS A 20 18.76 16.89 18.21
CA HIS A 20 18.65 17.34 16.84
C HIS A 20 17.21 17.12 16.24
N ALA A 21 16.29 16.50 17.01
CA ALA A 21 15.07 15.91 16.48
C ALA A 21 14.23 16.98 15.86
N GLY A 22 14.07 18.08 16.57
CA GLY A 22 13.40 19.28 16.03
C GLY A 22 13.86 19.83 14.70
N GLU A 23 15.18 20.06 14.63
CA GLU A 23 15.84 20.51 13.39
C GLU A 23 15.62 19.51 12.32
N TYR A 24 15.71 18.21 12.65
CA TYR A 24 15.56 17.22 11.57
C TYR A 24 14.09 17.19 11.10
N GLY A 25 13.19 17.28 12.04
CA GLY A 25 11.79 17.40 11.73
C GLY A 25 11.49 18.55 10.82
N ALA A 26 12.05 19.72 11.15
CA ALA A 26 11.84 20.93 10.36
C ALA A 26 12.36 20.77 8.95
N GLU A 27 13.53 20.16 8.80
CA GLU A 27 14.12 19.97 7.46
C GLU A 27 13.30 18.99 6.63
N ALA A 28 12.83 17.91 7.27
CA ALA A 28 11.99 16.93 6.60
C ALA A 28 10.73 17.62 6.04
N LEU A 29 10.08 18.47 6.82
CA LEU A 29 8.90 19.24 6.31
C LEU A 29 9.31 20.13 5.14
N GLU A 30 10.46 20.80 5.27
CA GLU A 30 10.92 21.69 4.22
C GLU A 30 11.17 20.92 2.94
N ARG A 31 11.83 19.75 3.02
CA ARG A 31 11.96 18.89 1.87
C ARG A 31 10.62 18.44 1.30
N MET A 32 9.69 18.09 2.19
CA MET A 32 8.41 17.62 1.70
C MET A 32 7.72 18.75 0.89
N PHE A 33 7.67 19.95 1.46
CA PHE A 33 6.98 21.09 0.82
C PHE A 33 7.52 21.43 -0.59
N LEU A 34 8.83 21.39 -0.72
CA LEU A 34 9.47 21.71 -1.96
C LEU A 34 9.46 20.57 -2.95
N SER A 35 9.66 19.33 -2.50
CA SER A 35 9.57 18.15 -3.44
C SER A 35 8.18 17.84 -3.89
N PHE A 36 7.21 17.99 -2.98
CA PHE A 36 5.84 17.61 -3.27
C PHE A 36 4.93 18.79 -2.91
N PRO A 37 4.87 19.76 -3.83
CA PRO A 37 4.23 21.00 -3.57
C PRO A 37 2.79 20.82 -3.13
N THR A 38 2.07 19.79 -3.58
CA THR A 38 0.69 19.63 -3.13
C THR A 38 0.53 19.52 -1.61
N THR A 39 1.58 19.12 -0.90
CA THR A 39 1.48 19.03 0.55
C THR A 39 1.32 20.38 1.20
N LYS A 40 1.80 21.46 0.54
CA LYS A 40 1.67 22.80 1.10
C LYS A 40 0.22 23.22 1.33
N THR A 41 -0.74 22.60 0.61
CA THR A 41 -2.13 22.95 0.77
C THR A 41 -2.72 22.62 2.12
N TYR A 42 -2.07 21.77 2.92
CA TYR A 42 -2.56 21.53 4.28
C TYR A 42 -2.12 22.61 5.27
N PHE A 43 -1.27 23.55 4.83
CA PHE A 43 -0.69 24.54 5.68
C PHE A 43 -0.82 25.94 5.06
N PRO A 44 -2.04 26.34 4.66
CA PRO A 44 -2.20 27.60 3.99
C PRO A 44 -2.02 28.75 4.94
N HIS A 45 -2.02 28.51 6.23
CA HIS A 45 -1.79 29.51 7.27
C HIS A 45 -0.34 29.68 7.64
N PHE A 46 0.54 28.81 7.12
CA PHE A 46 1.99 28.88 7.48
C PHE A 46 2.82 29.82 6.62
N ASP A 47 3.85 30.43 7.23
CA ASP A 47 5.08 30.82 6.47
C ASP A 47 5.89 29.56 6.16
N LEU A 48 5.96 29.26 4.87
CA LEU A 48 6.62 28.08 4.41
C LEU A 48 7.89 28.45 3.70
N SER A 49 8.49 29.61 4.00
CA SER A 49 9.75 30.01 3.32
C SER A 49 10.91 29.28 3.97
N HIS A 50 12.04 29.19 3.27
CA HIS A 50 13.20 28.47 3.81
C HIS A 50 13.62 29.08 5.11
N GLY A 51 13.79 28.32 6.17
CA GLY A 51 14.17 28.88 7.48
C GLY A 51 13.01 29.49 8.27
N SER A 52 11.78 29.37 7.79
CA SER A 52 10.62 29.85 8.54
C SER A 52 10.69 29.37 9.96
N ALA A 53 10.53 30.28 10.91
CA ALA A 53 10.44 29.87 12.31
C ALA A 53 9.16 29.08 12.62
N GLN A 54 8.10 29.32 11.87
CA GLN A 54 6.85 28.59 12.13
C GLN A 54 7.06 27.07 11.75
N VAL A 55 7.73 26.83 10.65
CA VAL A 55 8.19 25.46 10.26
C VAL A 55 9.11 24.77 11.32
N LYS A 56 10.04 25.51 11.90
CA LYS A 56 10.92 24.96 12.95
C LYS A 56 10.11 24.61 14.17
N GLY A 57 9.14 25.46 14.49
CA GLY A 57 8.25 25.16 15.60
C GLY A 57 7.42 23.88 15.38
N HIS A 58 6.89 23.75 14.17
CA HIS A 58 6.09 22.58 13.82
C HIS A 58 7.00 21.30 13.76
N GLY A 59 8.18 21.45 13.21
CA GLY A 59 9.15 20.35 13.15
C GLY A 59 9.45 19.82 14.51
N LYS A 60 9.46 20.70 15.50
CA LYS A 60 9.68 20.28 16.89
C LYS A 60 8.50 19.48 17.45
N LYS A 61 7.28 19.88 17.12
CA LYS A 61 6.13 19.12 17.56
C LYS A 61 6.10 17.78 16.87
N VAL A 62 6.40 17.74 15.58
CA VAL A 62 6.43 16.43 14.87
C VAL A 62 7.44 15.49 15.50
N ALA A 63 8.64 16.01 15.73
CA ALA A 63 9.64 15.28 16.49
C ALA A 63 9.22 14.75 17.83
N ASP A 64 8.57 15.58 18.65
CA ASP A 64 8.12 15.16 19.97
C ASP A 64 7.10 14.02 19.85
N ALA A 65 6.22 14.14 18.89
CA ALA A 65 5.28 13.04 18.68
C ALA A 65 6.03 11.73 18.31
N LEU A 66 6.99 11.81 17.40
CA LEU A 66 7.73 10.58 17.06
C LEU A 66 8.50 10.00 18.24
N THR A 67 9.07 10.89 19.04
CA THR A 67 9.73 10.49 20.29
C THR A 67 8.83 9.81 21.21
N ASN A 68 7.61 10.31 21.32
CA ASN A 68 6.63 9.65 22.15
C ASN A 68 6.20 8.30 21.60
N ALA A 69 6.11 8.20 20.27
CA ALA A 69 5.79 6.88 19.64
C ALA A 69 6.88 5.87 19.89
N VAL A 70 8.12 6.30 19.76
CA VAL A 70 9.28 5.47 19.97
C VAL A 70 9.29 5.00 21.43
N ALA A 71 8.93 5.87 22.37
CA ALA A 71 8.89 5.50 23.79
C ALA A 71 7.79 4.45 24.08
N HIS A 72 6.77 4.38 23.24
CA HIS A 72 5.59 3.56 23.49
C HIS A 72 5.34 2.70 22.26
N VAL A 73 6.37 2.11 21.66
CA VAL A 73 6.24 1.36 20.39
C VAL A 73 5.28 0.19 20.51
N ASP A 74 5.14 -0.43 21.69
CA ASP A 74 4.14 -1.51 21.80
C ASP A 74 2.76 -0.97 21.99
N ASP A 75 2.57 0.32 22.18
CA ASP A 75 1.21 0.82 22.42
C ASP A 75 0.93 2.12 21.60
N MET A 76 1.38 2.09 20.36
CA MET A 76 1.37 3.25 19.43
C MET A 76 -0.02 3.80 19.17
N PRO A 77 -0.99 2.94 18.84
CA PRO A 77 -2.36 3.43 18.66
C PRO A 77 -2.85 4.32 19.83
N ASN A 78 -2.55 3.88 21.02
CA ASN A 78 -2.99 4.60 22.18
C ASN A 78 -2.24 5.87 22.39
N ALA A 79 -0.93 5.77 22.34
CA ALA A 79 -0.13 6.95 22.44
C ALA A 79 -0.49 8.00 21.33
N LEU A 80 -0.88 7.57 20.12
CA LEU A 80 -1.19 8.50 19.04
C LEU A 80 -2.69 8.76 18.84
N SER A 81 -3.57 8.35 19.76
CA SER A 81 -5.01 8.49 19.48
C SER A 81 -5.47 9.88 19.20
N ALA A 82 -4.95 10.85 19.93
CA ALA A 82 -5.41 12.23 19.73
C ALA A 82 -4.94 12.69 18.37
N LEU A 83 -3.67 12.42 18.05
CA LEU A 83 -3.12 12.79 16.75
C LEU A 83 -3.82 12.10 15.57
N SER A 84 -4.25 10.88 15.82
CA SER A 84 -4.84 10.09 14.72
C SER A 84 -6.21 10.68 14.40
N ASP A 85 -6.98 11.06 15.42
CA ASP A 85 -8.22 11.77 15.16
C ASP A 85 -7.94 13.12 14.51
N LEU A 86 -6.93 13.81 14.99
CA LEU A 86 -6.61 15.09 14.36
C LEU A 86 -6.34 14.97 12.86
N HIS A 87 -5.43 14.07 12.50
CA HIS A 87 -5.08 13.90 11.10
C HIS A 87 -6.17 13.31 10.22
N ALA A 88 -6.80 12.25 10.71
CA ALA A 88 -7.74 11.53 9.82
C ALA A 88 -9.11 12.22 9.69
N HIS A 89 -9.62 12.72 10.81
CA HIS A 89 -10.97 13.20 10.87
C HIS A 89 -10.97 14.72 10.66
N LYS A 90 -10.21 15.47 11.45
CA LYS A 90 -10.37 16.89 11.42
C LYS A 90 -9.67 17.54 10.23
N LEU A 91 -8.42 17.20 10.02
CA LEU A 91 -7.62 17.76 8.93
C LEU A 91 -7.85 17.04 7.59
N ARG A 92 -8.33 15.82 7.65
CA ARG A 92 -8.40 14.90 6.47
C ARG A 92 -7.18 14.78 5.58
N VAL A 93 -6.02 14.52 6.17
CA VAL A 93 -4.82 14.37 5.42
C VAL A 93 -4.82 13.05 4.66
N ASP A 94 -4.79 13.13 3.34
CA ASP A 94 -4.70 11.93 2.54
C ASP A 94 -3.50 11.07 2.91
N PRO A 95 -3.72 9.73 3.01
CA PRO A 95 -2.61 8.82 3.35
C PRO A 95 -1.34 8.96 2.58
N VAL A 96 -1.43 9.25 1.27
CA VAL A 96 -0.21 9.37 0.44
C VAL A 96 0.82 10.31 1.08
N ASN A 97 0.36 11.40 1.68
CA ASN A 97 1.25 12.39 2.29
C ASN A 97 2.16 11.87 3.39
N PHE A 98 1.68 10.89 4.12
CA PHE A 98 2.46 10.32 5.19
C PHE A 98 3.69 9.58 4.69
N LYS A 99 3.57 8.94 3.50
CA LYS A 99 4.71 8.34 2.81
C LYS A 99 5.70 9.33 2.28
N LEU A 100 5.20 10.47 1.81
CA LEU A 100 6.07 11.67 1.49
C LEU A 100 6.87 12.23 2.68
N LEU A 101 6.23 12.45 3.83
CA LEU A 101 6.92 12.97 4.95
C LEU A 101 7.90 11.91 5.50
N SER A 102 7.47 10.65 5.49
CA SER A 102 8.34 9.52 5.93
C SER A 102 9.61 9.43 5.10
N HIS A 103 9.45 9.44 3.80
CA HIS A 103 10.59 9.45 2.90
C HIS A 103 11.54 10.69 3.23
N CYS A 104 10.94 11.86 3.41
CA CYS A 104 11.76 13.08 3.63
C CYS A 104 12.48 13.05 4.97
N LEU A 105 11.90 12.40 5.99
CA LEU A 105 12.63 12.18 7.24
C LEU A 105 13.84 11.28 7.06
N LEU A 106 13.64 10.20 6.34
CA LEU A 106 14.70 9.28 6.00
C LEU A 106 15.80 9.99 5.23
N VAL A 107 15.44 10.81 4.26
CA VAL A 107 16.45 11.54 3.48
C VAL A 107 17.29 12.45 4.38
N THR A 108 16.61 13.13 5.30
CA THR A 108 17.20 14.05 6.26
C THR A 108 18.16 13.32 7.20
N LEU A 109 17.75 12.15 7.71
CA LEU A 109 18.64 11.34 8.58
C LEU A 109 19.86 10.90 7.80
N ALA A 110 19.66 10.44 6.57
CA ALA A 110 20.78 9.97 5.74
C ALA A 110 21.85 11.06 5.46
N ALA A 111 21.35 12.25 5.26
CA ALA A 111 22.17 13.39 4.95
C ALA A 111 22.87 13.87 6.22
N HIS A 112 22.22 13.78 7.39
CA HIS A 112 22.81 14.28 8.63
C HIS A 112 23.61 13.28 9.43
N LEU A 113 23.19 12.00 9.49
CA LEU A 113 23.83 10.95 10.31
C LEU A 113 24.18 9.73 9.43
N PRO A 114 25.02 9.93 8.41
CA PRO A 114 25.36 8.88 7.49
C PRO A 114 26.01 7.68 8.22
N ALA A 115 26.79 7.91 9.26
CA ALA A 115 27.34 6.80 9.99
C ALA A 115 26.27 5.92 10.67
N GLU A 116 25.14 6.49 11.09
CA GLU A 116 24.08 5.73 11.76
C GLU A 116 23.09 5.09 10.77
N PHE A 117 23.02 5.65 9.57
CA PHE A 117 22.08 5.23 8.52
C PHE A 117 22.56 4.00 7.73
N THR A 118 22.78 2.90 8.46
CA THR A 118 23.10 1.66 7.82
C THR A 118 21.83 1.05 7.16
N PRO A 119 22.02 0.09 6.26
CA PRO A 119 20.88 -0.62 5.69
C PRO A 119 19.86 -1.17 6.69
N ALA A 120 20.35 -1.81 7.75
CA ALA A 120 19.47 -2.37 8.76
C ALA A 120 18.70 -1.31 9.52
N VAL A 121 19.37 -0.22 9.84
CA VAL A 121 18.72 0.84 10.58
C VAL A 121 17.68 1.53 9.70
N HIS A 122 18.03 1.67 8.42
CA HIS A 122 17.16 2.26 7.39
C HIS A 122 15.88 1.40 7.32
N ALA A 123 16.04 0.07 7.34
CA ALA A 123 14.91 -0.83 7.24
C ALA A 123 14.04 -0.69 8.45
N SER A 124 14.63 -0.70 9.66
CA SER A 124 13.85 -0.61 10.88
C SER A 124 13.07 0.73 10.98
N LEU A 125 13.74 1.82 10.63
CA LEU A 125 13.08 3.18 10.65
C LEU A 125 11.96 3.27 9.65
N ASP A 126 12.18 2.79 8.45
CA ASP A 126 11.10 2.77 7.43
C ASP A 126 9.88 2.01 7.91
N LYS A 127 10.10 0.87 8.55
CA LYS A 127 9.04 0.10 9.13
C LYS A 127 8.37 0.85 10.29
N PHE A 128 9.17 1.54 11.10
CA PHE A 128 8.60 2.29 12.22
C PHE A 128 7.69 3.40 11.64
N LEU A 129 8.20 4.14 10.66
CA LEU A 129 7.46 5.27 10.15
C LEU A 129 6.20 4.83 9.36
N ALA A 130 6.30 3.65 8.74
CA ALA A 130 5.14 3.04 8.10
C ALA A 130 4.08 2.59 9.17
N SER A 131 4.51 2.13 10.36
CA SER A 131 3.55 1.92 11.44
C SER A 131 2.91 3.21 11.95
N VAL A 132 3.71 4.27 12.09
CA VAL A 132 3.14 5.59 12.52
C VAL A 132 2.13 6.08 11.47
N SER A 133 2.52 5.99 10.22
CA SER A 133 1.71 6.47 9.13
C SER A 133 0.41 5.70 9.04
N THR A 134 0.45 4.40 9.34
CA THR A 134 -0.76 3.60 9.31
C THR A 134 -1.69 3.97 10.46
N VAL A 135 -1.16 4.02 11.67
CA VAL A 135 -1.96 4.52 12.82
C VAL A 135 -2.61 5.86 12.54
N LEU A 136 -1.89 6.80 11.91
CA LEU A 136 -2.44 8.14 11.70
C LEU A 136 -3.44 8.20 10.54
N THR A 137 -3.55 7.12 9.78
CA THR A 137 -4.49 7.10 8.65
C THR A 137 -5.60 6.06 8.74
N SER A 138 -5.58 5.16 9.72
CA SER A 138 -6.53 4.06 9.70
C SER A 138 -7.95 4.53 9.87
N LYS A 139 -8.14 5.72 10.49
CA LYS A 139 -9.47 6.34 10.73
C LYS A 139 -9.95 7.23 9.58
N TYR A 140 -9.08 7.43 8.59
CA TYR A 140 -9.38 8.26 7.42
C TYR A 140 -10.55 7.66 6.66
N ARG A 141 -11.48 8.53 6.27
CA ARG A 141 -12.85 8.14 5.84
C ARG A 141 -13.35 9.12 4.79
N HIS B 2 8.85 20.20 -17.10
CA HIS B 2 9.65 19.12 -16.47
C HIS B 2 10.74 19.72 -15.59
N LEU B 3 11.98 19.74 -16.04
CA LEU B 3 13.05 20.33 -15.24
C LEU B 3 13.34 21.71 -15.78
N THR B 4 13.24 22.72 -14.92
CA THR B 4 13.77 24.00 -15.28
C THR B 4 15.17 23.67 -15.79
N PRO B 5 15.80 24.65 -16.43
CA PRO B 5 17.15 24.35 -16.88
C PRO B 5 18.06 24.43 -15.66
N GLU B 6 17.67 25.23 -14.70
CA GLU B 6 18.35 25.32 -13.42
C GLU B 6 18.40 23.96 -12.70
N GLU B 7 17.28 23.26 -12.68
CA GLU B 7 17.19 21.95 -12.04
C GLU B 7 18.02 20.90 -12.82
N LYS B 8 17.83 20.84 -14.15
CA LYS B 8 18.67 19.98 -15.05
C LYS B 8 20.13 20.16 -14.67
N SER B 9 20.45 21.39 -14.36
CA SER B 9 21.82 21.78 -14.10
C SER B 9 22.32 21.23 -12.74
N ALA B 10 21.50 21.36 -11.72
CA ALA B 10 21.84 20.90 -10.37
C ALA B 10 21.96 19.37 -10.36
N VAL B 11 21.05 18.72 -11.09
CA VAL B 11 21.03 17.29 -11.26
C VAL B 11 22.30 16.74 -11.93
N THR B 12 22.61 17.22 -13.14
CA THR B 12 23.78 16.69 -13.88
C THR B 12 25.05 17.07 -13.15
N ALA B 13 25.08 18.26 -12.56
CA ALA B 13 26.18 18.64 -11.62
C ALA B 13 26.45 17.59 -10.52
N LEU B 14 25.39 17.16 -9.84
CA LEU B 14 25.52 16.12 -8.82
C LEU B 14 25.90 14.74 -9.43
N TRP B 15 25.21 14.35 -10.49
CA TRP B 15 25.37 13.02 -11.09
C TRP B 15 26.83 12.79 -11.54
N GLY B 16 27.43 13.86 -12.06
CA GLY B 16 28.81 13.86 -12.55
C GLY B 16 29.77 13.47 -11.46
N LYS B 17 29.40 13.68 -10.22
CA LYS B 17 30.19 13.22 -9.09
C LYS B 17 29.85 11.88 -8.52
N VAL B 18 28.96 11.10 -9.12
CA VAL B 18 28.56 9.86 -8.39
C VAL B 18 29.53 8.76 -8.71
N ASN B 19 29.88 7.95 -7.73
CA ASN B 19 30.66 6.76 -8.04
C ASN B 19 29.80 5.70 -8.80
N VAL B 20 29.76 5.83 -10.10
CA VAL B 20 29.13 4.95 -11.03
C VAL B 20 29.28 3.46 -10.74
N ASP B 21 30.36 3.07 -10.10
CA ASP B 21 30.60 1.68 -9.80
C ASP B 21 29.99 1.21 -8.47
N GLU B 22 29.39 2.14 -7.70
CA GLU B 22 28.97 1.83 -6.34
C GLU B 22 27.53 2.21 -5.98
N VAL B 23 27.03 3.37 -6.41
CA VAL B 23 25.73 3.83 -5.87
C VAL B 23 24.57 2.96 -6.38
N GLY B 24 24.72 2.38 -7.55
CA GLY B 24 23.65 1.53 -8.09
C GLY B 24 23.48 0.25 -7.27
N GLY B 25 24.59 -0.35 -6.88
CA GLY B 25 24.61 -1.54 -6.01
C GLY B 25 24.13 -1.21 -4.59
N GLU B 26 24.45 0.00 -4.13
CA GLU B 26 24.00 0.37 -2.81
C GLU B 26 22.45 0.66 -2.77
N ALA B 27 21.91 1.27 -3.80
CA ALA B 27 20.46 1.44 -3.93
C ALA B 27 19.73 0.09 -4.07
N LEU B 28 20.24 -0.82 -4.90
CA LEU B 28 19.58 -2.08 -5.13
C LEU B 28 19.68 -2.93 -3.87
N GLY B 29 20.83 -2.82 -3.26
CA GLY B 29 21.14 -3.52 -2.06
C GLY B 29 20.23 -3.13 -0.94
N ARG B 30 20.05 -1.84 -0.74
CA ARG B 30 19.07 -1.35 0.19
C ARG B 30 17.59 -1.66 -0.14
N LEU B 31 17.17 -1.59 -1.40
CA LEU B 31 15.83 -2.06 -1.77
C LEU B 31 15.55 -3.47 -1.26
N LEU B 32 16.51 -4.37 -1.42
CA LEU B 32 16.36 -5.75 -1.06
C LEU B 32 16.36 -5.94 0.47
N VAL B 33 17.02 -5.03 1.22
CA VAL B 33 17.05 -5.14 2.68
C VAL B 33 15.82 -4.44 3.29
N VAL B 34 15.46 -3.29 2.76
CA VAL B 34 14.34 -2.51 3.29
C VAL B 34 12.99 -3.10 2.88
N TYR B 35 12.90 -3.62 1.68
CA TYR B 35 11.61 -4.15 1.16
C TYR B 35 11.86 -5.57 0.70
N PRO B 36 12.03 -6.48 1.66
CA PRO B 36 12.59 -7.83 1.42
C PRO B 36 11.76 -8.75 0.50
N TRP B 37 10.52 -8.41 0.26
CA TRP B 37 9.70 -9.15 -0.65
C TRP B 37 10.24 -9.07 -2.05
N THR B 38 11.10 -8.09 -2.33
CA THR B 38 11.61 -7.93 -3.63
C THR B 38 12.66 -9.01 -3.92
N GLN B 39 13.20 -9.68 -2.90
CA GLN B 39 14.27 -10.67 -3.14
C GLN B 39 13.84 -11.84 -4.00
N ARG B 40 12.56 -12.12 -4.05
CA ARG B 40 12.13 -13.24 -4.86
C ARG B 40 12.44 -13.09 -6.35
N PHE B 41 12.71 -11.87 -6.82
CA PHE B 41 12.99 -11.62 -8.24
C PHE B 41 14.41 -11.90 -8.59
N PHE B 42 15.26 -12.10 -7.58
CA PHE B 42 16.67 -12.12 -7.80
C PHE B 42 17.35 -13.37 -7.22
N GLU B 43 16.69 -14.49 -7.34
CA GLU B 43 17.26 -15.78 -6.94
C GLU B 43 18.52 -16.07 -7.81
N SER B 44 18.62 -15.62 -9.08
CA SER B 44 19.87 -15.96 -9.78
C SER B 44 21.08 -15.07 -9.31
N PHE B 45 20.91 -14.26 -8.24
CA PHE B 45 22.05 -13.51 -7.62
C PHE B 45 22.71 -14.25 -6.47
N GLY B 46 22.16 -15.38 -6.08
CA GLY B 46 22.70 -16.09 -4.93
C GLY B 46 22.36 -15.49 -3.58
N ASP B 47 23.33 -15.49 -2.67
CA ASP B 47 23.12 -15.19 -1.25
C ASP B 47 22.61 -13.77 -0.90
N LEU B 48 21.34 -13.66 -0.49
CA LEU B 48 20.69 -12.38 -0.09
C LEU B 48 20.15 -12.47 1.35
N SER B 49 20.68 -13.42 2.12
CA SER B 49 19.95 -13.86 3.32
C SER B 49 20.20 -13.00 4.55
N THR B 50 21.20 -12.13 4.52
CA THR B 50 21.33 -11.07 5.53
C THR B 50 21.79 -9.73 4.86
N PRO B 51 21.63 -8.58 5.55
CA PRO B 51 22.05 -7.30 4.97
C PRO B 51 23.52 -7.23 4.50
N ASP B 52 24.43 -7.81 5.26
CA ASP B 52 25.84 -7.94 4.79
C ASP B 52 25.94 -8.83 3.58
N ALA B 53 25.30 -9.99 3.61
CA ALA B 53 25.26 -10.79 2.38
C ALA B 53 24.76 -9.93 1.22
N VAL B 54 23.68 -9.19 1.43
CA VAL B 54 23.17 -8.41 0.33
C VAL B 54 24.18 -7.32 -0.15
N MET B 55 24.71 -6.55 0.80
CA MET B 55 25.48 -5.35 0.51
C MET B 55 26.87 -5.71 -0.03
N GLY B 56 27.35 -6.91 0.31
CA GLY B 56 28.62 -7.38 -0.23
C GLY B 56 28.53 -8.35 -1.43
N ASN B 57 27.33 -8.68 -1.91
CA ASN B 57 27.12 -9.60 -3.02
C ASN B 57 27.58 -9.02 -4.35
N PRO B 58 28.48 -9.71 -5.07
CA PRO B 58 29.01 -9.00 -6.23
C PRO B 58 27.97 -8.86 -7.37
N LYS B 59 27.02 -9.77 -7.45
CA LYS B 59 25.97 -9.68 -8.47
C LYS B 59 24.99 -8.54 -8.22
N VAL B 60 24.82 -8.18 -6.96
CA VAL B 60 24.02 -7.05 -6.62
C VAL B 60 24.72 -5.79 -7.14
N LYS B 61 26.01 -5.73 -6.87
CA LYS B 61 26.80 -4.60 -7.26
C LYS B 61 26.78 -4.46 -8.78
N ALA B 62 26.99 -5.56 -9.47
CA ALA B 62 27.02 -5.54 -10.91
C ALA B 62 25.68 -5.22 -11.49
N HIS B 63 24.60 -5.77 -10.94
CA HIS B 63 23.33 -5.44 -11.53
C HIS B 63 23.00 -3.97 -11.24
N GLY B 64 23.38 -3.54 -10.03
CA GLY B 64 23.26 -2.15 -9.67
C GLY B 64 23.84 -1.20 -10.70
N LYS B 65 25.05 -1.51 -11.17
CA LYS B 65 25.63 -0.71 -12.23
C LYS B 65 24.67 -0.57 -13.39
N LYS B 66 24.01 -1.66 -13.78
CA LYS B 66 23.11 -1.59 -14.93
C LYS B 66 21.91 -0.66 -14.70
N VAL B 67 21.38 -0.72 -13.48
CA VAL B 67 20.22 0.10 -13.11
C VAL B 67 20.62 1.56 -13.14
N LEU B 68 21.78 1.87 -12.55
CA LEU B 68 22.31 3.24 -12.56
C LEU B 68 22.50 3.77 -13.99
N GLY B 69 22.97 2.89 -14.87
CA GLY B 69 23.20 3.16 -16.27
C GLY B 69 21.94 3.52 -16.96
N ALA B 70 20.83 2.83 -16.62
CA ALA B 70 19.52 3.19 -17.15
C ALA B 70 19.05 4.58 -16.64
N PHE B 71 19.29 4.89 -15.37
CA PHE B 71 19.03 6.24 -14.85
C PHE B 71 19.90 7.23 -15.62
N SER B 72 21.17 6.94 -15.85
CA SER B 72 21.99 7.83 -16.72
C SER B 72 21.32 8.03 -18.08
N ASP B 73 20.89 6.94 -18.71
CA ASP B 73 20.09 7.14 -19.95
C ASP B 73 18.91 8.05 -19.77
N GLY B 74 18.12 7.88 -18.72
CA GLY B 74 16.98 8.75 -18.49
C GLY B 74 17.39 10.22 -18.39
N LEU B 75 18.50 10.48 -17.70
CA LEU B 75 18.98 11.86 -17.59
C LEU B 75 19.22 12.48 -19.01
N ALA B 76 19.83 11.71 -19.89
CA ALA B 76 20.11 12.16 -21.24
C ALA B 76 18.86 12.41 -22.08
N HIS B 77 17.69 12.00 -21.61
CA HIS B 77 16.49 11.96 -22.45
C HIS B 77 15.23 12.33 -21.74
N LEU B 78 15.32 13.29 -20.84
CA LEU B 78 14.17 13.69 -20.02
C LEU B 78 12.93 14.04 -20.81
N ASP B 79 13.16 14.35 -22.05
CA ASP B 79 12.13 14.75 -22.98
C ASP B 79 11.41 13.56 -23.54
N ASN B 80 12.00 12.36 -23.47
CA ASN B 80 11.30 11.19 -24.03
C ASN B 80 11.48 9.93 -23.20
N LEU B 81 11.06 9.99 -21.93
CA LEU B 81 11.43 8.89 -21.00
C LEU B 81 10.71 7.61 -21.44
N LYS B 82 9.46 7.78 -21.87
CA LYS B 82 8.59 6.73 -22.46
C LYS B 82 9.26 5.87 -23.54
N GLY B 83 9.69 6.49 -24.64
CA GLY B 83 10.43 5.81 -25.69
C GLY B 83 11.69 5.19 -25.15
N THR B 84 12.43 5.93 -24.36
CA THR B 84 13.70 5.45 -23.89
C THR B 84 13.57 4.12 -23.08
N PHE B 85 12.46 4.01 -22.31
CA PHE B 85 12.26 2.91 -21.35
C PHE B 85 11.22 1.87 -21.81
N ALA B 86 10.78 1.95 -23.07
CA ALA B 86 9.67 1.13 -23.54
C ALA B 86 10.00 -0.38 -23.51
N THR B 87 11.20 -0.70 -23.91
CA THR B 87 11.65 -2.07 -23.94
C THR B 87 11.82 -2.59 -22.51
N LEU B 88 12.42 -1.78 -21.64
CA LEU B 88 12.59 -2.15 -20.23
C LEU B 88 11.24 -2.33 -19.55
N SER B 89 10.29 -1.44 -19.84
CA SER B 89 8.93 -1.52 -19.28
C SER B 89 8.29 -2.85 -19.61
N GLU B 90 8.52 -3.29 -20.84
CA GLU B 90 7.95 -4.50 -21.36
C GLU B 90 8.59 -5.75 -20.68
N LEU B 91 9.90 -5.71 -20.48
CA LEU B 91 10.60 -6.75 -19.83
C LEU B 91 10.08 -6.90 -18.37
N HIS B 92 10.02 -5.79 -17.63
CA HIS B 92 9.70 -5.84 -16.22
C HIS B 92 8.24 -6.31 -16.10
N CYS B 93 7.36 -5.89 -17.02
CA CYS B 93 5.94 -6.28 -16.97
C CYS B 93 5.71 -7.71 -17.39
N ASP B 94 6.06 -8.01 -18.64
CA ASP B 94 5.64 -9.24 -19.31
C ASP B 94 6.45 -10.39 -18.93
N LYS B 95 7.75 -10.21 -18.88
CA LYS B 95 8.61 -11.29 -18.50
C LYS B 95 8.79 -11.42 -17.00
N LEU B 96 8.99 -10.31 -16.29
CA LEU B 96 9.43 -10.41 -14.91
C LEU B 96 8.28 -10.36 -13.92
N HIS B 97 7.13 -9.82 -14.33
CA HIS B 97 5.98 -9.62 -13.44
C HIS B 97 6.23 -8.74 -12.20
N VAL B 98 7.07 -7.72 -12.35
CA VAL B 98 7.39 -6.80 -11.26
C VAL B 98 6.28 -5.75 -11.05
N ASP B 99 5.79 -5.65 -9.83
CA ASP B 99 4.74 -4.72 -9.52
C ASP B 99 5.30 -3.32 -9.70
N PRO B 100 4.64 -2.49 -10.47
CA PRO B 100 5.21 -1.19 -10.71
C PRO B 100 5.36 -0.24 -9.52
N GLU B 101 4.73 -0.52 -8.38
CA GLU B 101 4.95 0.26 -7.15
C GLU B 101 6.44 0.29 -6.75
N ASN B 102 7.14 -0.81 -7.02
CA ASN B 102 8.57 -0.97 -6.66
C ASN B 102 9.53 -0.07 -7.45
N PHE B 103 9.07 0.49 -8.59
CA PHE B 103 9.94 1.37 -9.35
C PHE B 103 10.12 2.69 -8.51
N ARG B 104 9.05 3.11 -7.88
CA ARG B 104 9.03 4.30 -7.10
C ARG B 104 9.84 4.04 -5.84
N LEU B 105 9.80 2.80 -5.31
CA LEU B 105 10.50 2.46 -4.07
C LEU B 105 12.00 2.51 -4.31
N LEU B 106 12.42 1.96 -5.45
CA LEU B 106 13.86 1.95 -5.84
C LEU B 106 14.40 3.35 -6.10
N GLY B 107 13.57 4.11 -6.78
CA GLY B 107 13.81 5.51 -6.98
C GLY B 107 14.09 6.26 -5.70
N ASN B 108 13.23 6.01 -4.72
CA ASN B 108 13.32 6.66 -3.48
C ASN B 108 14.47 6.22 -2.63
N VAL B 109 14.76 4.93 -2.70
CA VAL B 109 15.94 4.42 -2.09
C VAL B 109 17.18 5.06 -2.74
N LEU B 110 17.16 5.24 -4.05
CA LEU B 110 18.27 5.95 -4.73
C LEU B 110 18.50 7.35 -4.22
N VAL B 111 17.41 8.10 -4.06
CA VAL B 111 17.45 9.43 -3.46
C VAL B 111 18.09 9.38 -2.08
N CYS B 112 17.73 8.35 -1.28
CA CYS B 112 18.27 8.20 0.06
C CYS B 112 19.77 7.98 0.01
N VAL B 113 20.22 7.19 -0.97
CA VAL B 113 21.62 6.92 -1.15
C VAL B 113 22.37 8.19 -1.58
N LEU B 114 21.79 8.97 -2.47
CA LEU B 114 22.41 10.23 -2.85
C LEU B 114 22.55 11.14 -1.63
N ALA B 115 21.50 11.17 -0.80
CA ALA B 115 21.54 12.03 0.36
C ALA B 115 22.68 11.49 1.27
N HIS B 116 22.77 10.19 1.36
CA HIS B 116 23.73 9.54 2.24
C HIS B 116 25.18 9.87 1.88
N HIS B 117 25.49 9.87 0.59
CA HIS B 117 26.77 10.22 0.05
C HIS B 117 27.06 11.71 -0.04
N PHE B 118 26.08 12.56 -0.25
CA PHE B 118 26.35 13.97 -0.50
C PHE B 118 26.08 14.90 0.61
N GLY B 119 25.39 14.44 1.64
CA GLY B 119 25.12 15.23 2.82
C GLY B 119 24.41 16.51 2.43
N LYS B 120 24.90 17.58 3.02
CA LYS B 120 24.41 18.94 2.82
C LYS B 120 24.32 19.43 1.35
N GLU B 121 25.20 18.94 0.47
CA GLU B 121 25.05 19.28 -0.95
C GLU B 121 23.74 18.74 -1.48
N PHE B 122 23.22 17.69 -0.84
CA PHE B 122 21.94 17.17 -1.31
C PHE B 122 20.86 18.07 -0.72
N THR B 123 20.82 19.34 -1.15
CA THR B 123 19.94 20.33 -0.53
C THR B 123 18.45 20.00 -0.86
N PRO B 124 17.52 20.64 -0.19
CA PRO B 124 16.13 20.42 -0.52
C PRO B 124 15.81 20.70 -2.01
N PRO B 125 16.39 21.77 -2.61
CA PRO B 125 16.04 22.00 -4.01
C PRO B 125 16.65 20.99 -4.91
N VAL B 126 17.81 20.47 -4.58
CA VAL B 126 18.30 19.44 -5.49
C VAL B 126 17.48 18.16 -5.30
N GLN B 127 17.02 17.90 -4.06
CA GLN B 127 16.17 16.74 -3.86
C GLN B 127 14.98 16.81 -4.74
N ALA B 128 14.35 17.98 -4.70
CA ALA B 128 13.13 18.23 -5.45
C ALA B 128 13.31 17.96 -6.91
N ALA B 129 14.46 18.28 -7.45
CA ALA B 129 14.65 18.05 -8.86
C ALA B 129 14.81 16.54 -9.14
N TYR B 130 15.54 15.87 -8.27
CA TYR B 130 15.72 14.40 -8.37
C TYR B 130 14.39 13.69 -8.16
N GLN B 131 13.51 14.23 -7.29
CA GLN B 131 12.21 13.60 -7.16
C GLN B 131 11.46 13.62 -8.53
N LYS B 132 11.65 14.68 -9.33
CA LYS B 132 10.96 14.74 -10.64
C LYS B 132 11.52 13.62 -11.51
N VAL B 133 12.79 13.40 -11.37
CA VAL B 133 13.44 12.43 -12.21
C VAL B 133 13.02 11.03 -11.79
N VAL B 134 12.95 10.77 -10.50
CA VAL B 134 12.59 9.38 -10.14
C VAL B 134 11.17 9.07 -10.55
N ALA B 135 10.26 10.04 -10.40
CA ALA B 135 8.87 9.87 -10.77
C ALA B 135 8.73 9.62 -12.28
N GLY B 136 9.48 10.41 -13.06
CA GLY B 136 9.47 10.34 -14.48
C GLY B 136 10.01 8.99 -14.87
N VAL B 137 11.09 8.51 -14.23
CA VAL B 137 11.59 7.21 -14.59
C VAL B 137 10.61 6.07 -14.20
N ALA B 138 9.99 6.19 -13.04
CA ALA B 138 8.98 5.23 -12.64
C ALA B 138 7.76 5.16 -13.59
N ASN B 139 7.27 6.33 -14.02
CA ASN B 139 6.08 6.33 -14.91
C ASN B 139 6.37 5.65 -16.23
N ALA B 140 7.60 5.84 -16.69
CA ALA B 140 7.99 5.36 -18.01
C ALA B 140 8.22 3.85 -17.92
N LEU B 141 8.82 3.41 -16.83
CA LEU B 141 8.93 1.99 -16.59
C LEU B 141 7.56 1.29 -16.43
N ALA B 142 6.53 2.00 -15.97
CA ALA B 142 5.16 1.45 -15.79
C ALA B 142 4.34 1.52 -17.03
N HIS B 143 4.87 2.16 -18.06
CA HIS B 143 4.00 2.63 -19.17
C HIS B 143 3.47 1.51 -20.04
N LYS B 144 4.26 0.46 -20.28
CA LYS B 144 3.77 -0.68 -21.02
C LYS B 144 2.97 -1.67 -20.20
N TYR B 145 2.57 -1.36 -18.96
CA TYR B 145 1.80 -2.31 -18.15
C TYR B 145 0.34 -2.39 -18.59
N VAL C 1 -20.78 -18.89 -17.68
CA VAL C 1 -21.63 -17.89 -17.06
C VAL C 1 -20.92 -17.41 -15.77
N CYS C 2 -20.28 -18.27 -14.96
CA CYS C 2 -19.52 -17.77 -13.74
C CYS C 2 -18.30 -18.54 -13.41
N GLY C 3 -17.27 -17.85 -12.95
CA GLY C 3 -16.12 -18.55 -12.36
C GLY C 3 -15.22 -19.29 -13.31
N LYS C 4 -15.26 -18.92 -14.59
CA LYS C 4 -14.39 -19.55 -15.60
C LYS C 4 -13.57 -18.51 -16.28
N PRO C 5 -12.57 -17.97 -15.59
CA PRO C 5 -11.80 -16.93 -16.27
C PRO C 5 -10.99 -17.51 -17.38
N LYS C 6 -10.89 -16.76 -18.46
CA LYS C 6 -10.09 -17.12 -19.63
C LYS C 6 -8.66 -17.35 -19.26
N ASN C 7 -8.12 -16.50 -18.36
CA ASN C 7 -6.71 -16.57 -17.97
C ASN C 7 -6.58 -16.69 -16.48
N PRO C 8 -6.80 -17.90 -15.92
CA PRO C 8 -6.84 -18.02 -14.46
C PRO C 8 -5.48 -17.70 -13.83
N ALA C 9 -5.54 -17.16 -12.64
CA ALA C 9 -4.38 -16.70 -11.91
C ALA C 9 -3.39 -17.83 -11.80
N ASN C 10 -2.16 -17.58 -12.16
CA ASN C 10 -1.21 -18.69 -12.22
C ASN C 10 0.22 -18.17 -11.92
N PRO C 11 0.53 -17.82 -10.66
CA PRO C 11 1.82 -17.19 -10.47
C PRO C 11 2.99 -18.15 -10.77
N VAL C 12 4.05 -17.61 -11.30
CA VAL C 12 5.30 -18.34 -11.51
C VAL C 12 5.84 -18.83 -10.20
N GLN C 13 5.86 -17.95 -9.17
CA GLN C 13 6.42 -18.28 -7.87
C GLN C 13 5.30 -18.47 -6.85
N ARG C 14 5.13 -19.69 -6.33
CA ARG C 14 4.09 -19.93 -5.34
C ARG C 14 4.59 -19.54 -3.98
N ILE C 15 4.53 -18.24 -3.70
CA ILE C 15 4.98 -17.67 -2.49
C ILE C 15 3.81 -16.86 -1.97
N LEU C 16 3.37 -17.15 -0.74
CA LEU C 16 2.31 -16.42 -0.15
C LEU C 16 2.75 -14.97 -0.04
N GLY C 17 1.87 -14.09 -0.45
CA GLY C 17 2.20 -12.62 -0.48
C GLY C 17 1.77 -12.02 -1.79
N GLY C 18 2.33 -10.88 -2.12
CA GLY C 18 1.89 -10.09 -3.31
C GLY C 18 2.31 -10.58 -4.70
N HIS C 19 1.43 -10.35 -5.68
CA HIS C 19 1.70 -10.70 -7.06
C HIS C 19 1.05 -9.67 -7.98
N LEU C 20 1.68 -9.43 -9.10
CA LEU C 20 1.03 -8.59 -10.12
C LEU C 20 -0.05 -9.38 -10.83
N ASP C 21 -1.17 -8.75 -11.17
CA ASP C 21 -2.21 -9.44 -12.02
C ASP C 21 -1.71 -9.44 -13.47
N ALA C 22 -0.67 -10.22 -13.72
CA ALA C 22 -0.07 -10.24 -15.08
C ALA C 22 -0.99 -10.71 -16.23
N LYS C 23 -1.91 -11.62 -15.97
CA LYS C 23 -2.68 -12.26 -17.03
C LYS C 23 -4.08 -11.76 -17.07
N GLY C 24 -4.52 -10.91 -16.14
CA GLY C 24 -5.94 -10.44 -16.20
C GLY C 24 -6.87 -11.54 -15.70
N SER C 25 -6.60 -12.03 -14.49
CA SER C 25 -7.24 -13.19 -13.92
C SER C 25 -8.40 -12.99 -12.99
N PHE C 26 -8.88 -11.75 -12.88
CA PHE C 26 -9.94 -11.44 -11.98
C PHE C 26 -11.05 -10.61 -12.66
N PRO C 27 -11.74 -11.22 -13.62
CA PRO C 27 -12.76 -10.42 -14.37
C PRO C 27 -13.97 -10.13 -13.57
N TRP C 28 -14.08 -10.72 -12.38
CA TRP C 28 -15.18 -10.43 -11.44
C TRP C 28 -14.91 -9.18 -10.65
N GLN C 29 -13.68 -8.67 -10.71
CA GLN C 29 -13.34 -7.52 -9.85
C GLN C 29 -13.95 -6.21 -10.40
N ALA C 30 -14.57 -5.40 -9.54
CA ALA C 30 -15.00 -4.06 -9.95
C ALA C 30 -14.35 -2.99 -9.10
N LYS C 31 -14.49 -1.75 -9.57
CA LYS C 31 -13.90 -0.59 -8.89
C LYS C 31 -14.96 0.39 -8.63
N MET C 32 -15.15 0.66 -7.35
CA MET C 32 -16.11 1.64 -6.86
C MET C 32 -15.39 2.92 -6.47
N VAL C 33 -16.02 4.03 -6.73
CA VAL C 33 -15.50 5.37 -6.34
C VAL C 33 -16.63 6.12 -5.64
N SER C 34 -16.36 6.55 -4.39
CA SER C 34 -17.19 7.44 -3.59
C SER C 34 -17.26 8.90 -4.03
N HIS C 35 -18.25 9.63 -3.52
CA HIS C 35 -18.49 10.98 -3.98
C HIS C 35 -17.33 11.89 -3.57
N HIS C 36 -16.48 11.50 -2.61
CA HIS C 36 -15.25 12.26 -2.30
C HIS C 36 -13.99 11.59 -2.77
N ASN C 37 -14.09 10.77 -3.84
CA ASN C 37 -12.97 10.24 -4.59
C ASN C 37 -12.17 9.13 -3.97
N LEU C 38 -12.79 8.33 -3.11
CA LEU C 38 -12.10 7.19 -2.51
C LEU C 38 -12.45 5.92 -3.22
N THR C 39 -11.39 5.24 -3.64
CA THR C 39 -11.51 4.02 -4.37
C THR C 39 -11.76 2.89 -3.41
N THR C 40 -12.79 2.07 -3.76
CA THR C 40 -12.98 0.75 -3.10
C THR C 40 -13.31 -0.39 -4.07
N GLY C 41 -13.47 -1.59 -3.53
CA GLY C 41 -13.80 -2.77 -4.35
C GLY C 41 -15.25 -3.18 -4.33
N ALA C 42 -15.61 -3.90 -5.39
CA ALA C 42 -16.81 -4.69 -5.39
C ALA C 42 -16.54 -5.87 -6.29
N THR C 43 -17.44 -6.86 -6.22
CA THR C 43 -17.25 -8.17 -6.77
C THR C 43 -18.50 -8.57 -7.56
N LEU C 44 -18.33 -8.84 -8.85
CA LEU C 44 -19.47 -9.22 -9.72
C LEU C 44 -19.83 -10.67 -9.43
N ILE C 45 -21.08 -10.93 -9.03
CA ILE C 45 -21.52 -12.28 -8.67
C ILE C 45 -22.61 -12.84 -9.63
N ASN C 46 -23.24 -11.99 -10.45
CA ASN C 46 -23.86 -12.50 -11.69
C ASN C 46 -23.85 -11.38 -12.69
N GLU C 47 -24.63 -11.54 -13.74
CA GLU C 47 -24.62 -10.57 -14.81
C GLU C 47 -25.09 -9.13 -14.43
N GLN C 48 -25.78 -9.00 -13.31
CA GLN C 48 -26.40 -7.75 -12.91
C GLN C 48 -26.23 -7.34 -11.45
N TRP C 49 -25.43 -8.04 -10.64
CA TRP C 49 -25.39 -7.78 -9.22
C TRP C 49 -23.93 -7.98 -8.77
N LEU C 50 -23.54 -7.14 -7.83
CA LEU C 50 -22.24 -7.13 -7.24
C LEU C 50 -22.39 -7.19 -5.72
N LEU C 51 -21.44 -7.88 -5.09
CA LEU C 51 -21.22 -7.68 -3.62
C LEU C 51 -20.19 -6.63 -3.31
N THR C 52 -20.38 -5.96 -2.18
CA THR C 52 -19.35 -5.02 -1.66
C THR C 52 -19.62 -4.92 -0.19
N THR C 53 -18.96 -4.04 0.53
CA THR C 53 -19.24 -3.95 1.95
C THR C 53 -20.12 -2.77 2.29
N ALA C 54 -20.71 -2.84 3.47
CA ALA C 54 -21.53 -1.79 3.96
C ALA C 54 -20.65 -0.59 4.28
N LYS C 55 -19.49 -0.81 4.89
CA LYS C 55 -18.63 0.33 5.15
C LYS C 55 -18.24 1.07 3.85
N ASN C 56 -17.99 0.34 2.78
CA ASN C 56 -17.64 0.95 1.49
C ASN C 56 -18.74 1.90 1.04
N LEU C 57 -19.99 1.39 1.14
CA LEU C 57 -21.17 2.11 0.74
C LEU C 57 -21.41 3.37 1.58
N PHE C 58 -21.09 3.33 2.86
CA PHE C 58 -21.25 4.49 3.75
C PHE C 58 -20.18 5.60 3.68
N LEU C 59 -19.10 5.39 2.93
CA LEU C 59 -18.03 6.40 2.89
C LEU C 59 -18.67 7.73 2.43
N ASN C 60 -18.42 8.80 3.19
CA ASN C 60 -18.88 10.16 2.84
C ASN C 60 -20.36 10.34 3.03
N HIS C 61 -21.00 9.45 3.82
CA HIS C 61 -22.39 9.57 4.19
C HIS C 61 -22.55 9.53 5.69
N SER C 62 -23.64 10.13 6.11
CA SER C 62 -24.10 10.08 7.44
C SER C 62 -24.45 8.63 7.81
N GLU C 63 -24.12 8.26 9.05
CA GLU C 63 -24.45 6.92 9.52
C GLU C 63 -25.98 6.69 9.55
N ASN C 64 -26.80 7.71 9.34
CA ASN C 64 -28.20 7.50 9.05
C ASN C 64 -28.66 7.43 7.56
N ALA C 65 -27.78 7.49 6.59
CA ALA C 65 -28.23 7.38 5.20
C ALA C 65 -28.88 6.03 4.91
N THR C 66 -29.81 6.02 3.95
CA THR C 66 -30.49 4.83 3.47
C THR C 66 -29.87 4.43 2.10
N ALA C 67 -30.23 3.26 1.59
CA ALA C 67 -29.75 2.75 0.29
C ALA C 67 -30.06 3.77 -0.80
N LYS C 68 -31.20 4.46 -0.65
CA LYS C 68 -31.60 5.44 -1.65
C LYS C 68 -30.77 6.67 -1.64
N ASP C 69 -30.36 7.13 -0.47
CA ASP C 69 -29.37 8.20 -0.39
C ASP C 69 -28.04 7.79 -1.03
N ILE C 70 -27.64 6.56 -0.91
CA ILE C 70 -26.21 6.19 -1.20
C ILE C 70 -26.02 5.99 -2.70
N ALA C 71 -26.97 5.28 -3.25
CA ALA C 71 -26.88 4.73 -4.60
C ALA C 71 -26.51 5.74 -5.72
N PRO C 72 -27.17 6.89 -5.76
CA PRO C 72 -26.86 7.90 -6.77
C PRO C 72 -25.60 8.70 -6.49
N THR C 73 -24.88 8.40 -5.41
CA THR C 73 -23.60 9.07 -5.15
C THR C 73 -22.41 8.22 -5.45
N LEU C 74 -22.61 7.03 -6.02
CA LEU C 74 -21.52 6.09 -6.28
C LEU C 74 -21.17 6.07 -7.74
N THR C 75 -19.91 5.76 -8.05
CA THR C 75 -19.52 5.45 -9.37
C THR C 75 -18.90 4.09 -9.38
N LEU C 76 -19.24 3.29 -10.40
CA LEU C 76 -18.77 1.90 -10.52
C LEU C 76 -18.24 1.55 -11.91
N TYR C 77 -17.10 0.85 -11.96
CA TYR C 77 -16.52 0.37 -13.19
C TYR C 77 -16.22 -1.08 -13.13
N VAL C 78 -16.26 -1.71 -14.30
CA VAL C 78 -15.87 -3.10 -14.49
C VAL C 78 -14.97 -3.08 -15.72
N GLY C 79 -14.27 -4.19 -15.93
CA GLY C 79 -13.37 -4.33 -17.04
C GLY C 79 -12.36 -3.24 -17.22
N LYS C 80 -12.18 -2.82 -18.47
CA LYS C 80 -11.20 -1.77 -18.81
C LYS C 80 -11.85 -0.41 -18.60
N LYS C 81 -11.87 0.06 -17.36
CA LYS C 81 -12.54 1.33 -17.01
C LYS C 81 -13.95 1.57 -17.61
N GLN C 82 -14.78 0.54 -17.64
CA GLN C 82 -16.18 0.63 -18.11
C GLN C 82 -17.21 1.03 -17.04
N LEU C 83 -17.60 2.29 -17.05
CA LEU C 83 -18.63 2.75 -16.13
C LEU C 83 -19.93 1.97 -16.36
N VAL C 84 -20.44 1.38 -15.30
CA VAL C 84 -21.76 0.80 -15.36
C VAL C 84 -22.72 1.56 -14.47
N GLU C 85 -23.97 1.68 -14.90
CA GLU C 85 -24.93 2.43 -14.13
C GLU C 85 -25.65 1.53 -13.12
N ILE C 86 -25.80 2.04 -11.90
CA ILE C 86 -26.44 1.35 -10.83
C ILE C 86 -27.93 1.66 -10.75
N GLU C 87 -28.74 0.64 -10.56
CA GLU C 87 -30.17 0.81 -10.35
C GLU C 87 -30.46 1.01 -8.86
N LYS C 88 -29.97 0.12 -8.00
CA LYS C 88 -30.08 0.34 -6.56
C LYS C 88 -29.05 -0.37 -5.69
N VAL C 89 -29.12 -0.09 -4.41
CA VAL C 89 -28.24 -0.71 -3.44
C VAL C 89 -29.12 -1.39 -2.42
N VAL C 90 -28.71 -2.60 -1.94
CA VAL C 90 -29.42 -3.23 -0.87
C VAL C 90 -28.47 -3.53 0.31
N LEU C 91 -28.69 -2.90 1.44
CA LEU C 91 -27.82 -3.10 2.60
C LEU C 91 -28.16 -4.39 3.32
N HIS C 92 -27.18 -5.13 3.82
CA HIS C 92 -27.52 -6.28 4.61
C HIS C 92 -28.33 -5.81 5.84
N PRO C 93 -29.37 -6.51 6.21
CA PRO C 93 -30.18 -5.91 7.32
C PRO C 93 -29.47 -5.96 8.64
N ASN C 94 -28.49 -6.82 8.82
CA ASN C 94 -27.63 -6.73 9.97
C ASN C 94 -26.20 -6.35 9.65
N TYR C 95 -26.04 -5.25 8.93
CA TYR C 95 -24.71 -4.89 8.45
C TYR C 95 -23.62 -4.54 9.50
N SER C 96 -24.00 -4.25 10.75
CA SER C 96 -23.00 -4.09 11.83
C SER C 96 -22.39 -5.44 12.23
N GLN C 97 -23.02 -6.54 11.86
CA GLN C 97 -22.47 -7.83 12.17
C GLN C 97 -21.89 -8.50 10.89
N VAL C 98 -22.59 -8.34 9.77
CA VAL C 98 -22.24 -8.90 8.46
C VAL C 98 -22.05 -7.72 7.49
N ASP C 99 -20.78 -7.35 7.31
CA ASP C 99 -20.36 -6.10 6.61
C ASP C 99 -20.55 -6.13 5.10
N ILE C 100 -21.79 -6.02 4.65
CA ILE C 100 -22.15 -6.37 3.33
C ILE C 100 -23.25 -5.49 2.79
N GLY C 101 -23.09 -5.20 1.50
CA GLY C 101 -24.22 -4.77 0.68
C GLY C 101 -24.27 -5.37 -0.69
N LEU C 102 -25.44 -5.33 -1.35
CA LEU C 102 -25.48 -5.71 -2.75
C LEU C 102 -25.73 -4.49 -3.62
N ILE C 103 -25.20 -4.57 -4.86
CA ILE C 103 -25.40 -3.52 -5.82
C ILE C 103 -26.14 -4.10 -7.01
N LYS C 104 -27.27 -3.54 -7.39
CA LYS C 104 -27.95 -3.97 -8.68
C LYS C 104 -27.72 -3.02 -9.85
N LEU C 105 -27.28 -3.51 -10.97
CA LEU C 105 -27.08 -2.72 -12.14
C LEU C 105 -28.41 -2.52 -12.94
N LYS C 106 -28.50 -1.41 -13.66
CA LYS C 106 -29.70 -1.15 -14.44
C LYS C 106 -29.75 -2.15 -15.56
N GLN C 107 -28.62 -2.67 -16.06
CA GLN C 107 -28.75 -3.71 -17.06
C GLN C 107 -27.61 -4.73 -16.92
N LYS C 108 -27.78 -5.89 -17.56
CA LYS C 108 -26.81 -6.96 -17.45
C LYS C 108 -25.56 -6.53 -18.18
N VAL C 109 -24.38 -6.93 -17.70
CA VAL C 109 -23.12 -6.63 -18.38
C VAL C 109 -22.98 -7.66 -19.49
N SER C 110 -22.25 -7.38 -20.54
CA SER C 110 -21.93 -8.48 -21.45
C SER C 110 -20.61 -9.03 -21.04
N VAL C 111 -20.64 -10.32 -20.87
CA VAL C 111 -19.56 -11.09 -20.34
C VAL C 111 -18.56 -11.27 -21.45
N ASN C 112 -17.29 -11.25 -21.07
CA ASN C 112 -16.18 -11.49 -21.97
C ASN C 112 -14.95 -11.82 -21.13
N GLU C 113 -13.79 -11.77 -21.72
CA GLU C 113 -12.56 -12.10 -21.07
C GLU C 113 -12.19 -11.14 -19.90
N ARG C 114 -12.70 -9.92 -19.87
CA ARG C 114 -12.35 -8.93 -18.84
C ARG C 114 -13.45 -8.70 -17.81
N VAL C 115 -14.67 -9.11 -18.16
CA VAL C 115 -15.85 -8.95 -17.32
C VAL C 115 -16.58 -10.30 -17.16
N MET C 116 -16.52 -10.90 -15.97
CA MET C 116 -17.24 -12.14 -15.77
C MET C 116 -17.45 -12.34 -14.27
N PRO C 117 -18.67 -12.78 -13.88
CA PRO C 117 -18.90 -12.96 -12.47
C PRO C 117 -18.16 -14.21 -11.92
N ILE C 118 -17.88 -14.16 -10.63
CA ILE C 118 -17.38 -15.24 -9.90
C ILE C 118 -18.56 -16.01 -9.33
N CYS C 119 -18.42 -17.33 -9.09
CA CYS C 119 -19.52 -18.13 -8.61
C CYS C 119 -19.62 -18.04 -7.14
N LEU C 120 -20.83 -18.07 -6.64
CA LEU C 120 -21.05 -18.16 -5.23
C LEU C 120 -21.03 -19.62 -4.76
N PRO C 121 -20.38 -19.94 -3.65
CA PRO C 121 -20.22 -21.35 -3.33
C PRO C 121 -21.32 -21.80 -2.41
N SER C 122 -21.70 -23.05 -2.56
CA SER C 122 -22.51 -23.72 -1.54
C SER C 122 -21.59 -24.39 -0.52
N LYS C 123 -20.47 -24.97 -0.98
CA LYS C 123 -19.41 -25.49 -0.03
C LYS C 123 -18.63 -24.41 0.74
N ASP C 124 -18.25 -24.77 1.95
CA ASP C 124 -17.46 -23.87 2.80
C ASP C 124 -15.99 -24.20 2.62
N TYR C 125 -15.32 -23.39 1.81
CA TYR C 125 -13.91 -23.66 1.48
C TYR C 125 -12.95 -23.03 2.52
N ALA C 126 -13.47 -22.46 3.60
CA ALA C 126 -12.62 -21.66 4.49
C ALA C 126 -11.96 -22.49 5.61
N GLU C 127 -11.38 -23.64 5.27
CA GLU C 127 -10.62 -24.42 6.26
C GLU C 127 -9.37 -23.63 6.59
N VAL C 128 -8.96 -23.66 7.83
CA VAL C 128 -7.70 -23.06 8.16
C VAL C 128 -6.56 -23.63 7.24
N GLY C 129 -5.75 -22.75 6.63
CA GLY C 129 -4.70 -23.15 5.76
C GLY C 129 -5.10 -23.20 4.29
N ARG C 130 -6.38 -23.04 4.04
CA ARG C 130 -6.83 -22.92 2.64
C ARG C 130 -6.16 -21.70 1.96
N VAL C 131 -5.50 -21.94 0.82
CA VAL C 131 -4.86 -20.88 0.01
C VAL C 131 -5.88 -20.24 -0.98
N GLY C 132 -6.13 -18.91 -0.83
CA GLY C 132 -6.88 -18.17 -1.83
C GLY C 132 -6.15 -16.96 -2.34
N TYR C 133 -6.85 -16.27 -3.23
CA TYR C 133 -6.33 -15.13 -4.00
C TYR C 133 -7.28 -13.95 -3.77
N VAL C 134 -6.72 -12.82 -3.35
CA VAL C 134 -7.52 -11.60 -3.09
C VAL C 134 -6.94 -10.48 -3.96
N SER C 135 -7.74 -10.06 -4.92
CA SER C 135 -7.36 -8.99 -5.84
C SER C 135 -7.87 -7.69 -5.27
N GLY C 136 -7.26 -6.58 -5.66
CA GLY C 136 -7.77 -5.33 -5.20
C GLY C 136 -7.17 -4.08 -5.85
N TRP C 137 -7.90 -2.97 -5.75
CA TRP C 137 -7.53 -1.63 -6.28
C TRP C 137 -7.09 -0.70 -5.14
N GLY C 138 -6.84 -1.29 -3.97
CA GLY C 138 -6.43 -0.55 -2.79
C GLY C 138 -5.09 0.12 -2.87
N ARG C 139 -4.71 0.74 -1.79
CA ARG C 139 -3.47 1.49 -1.75
C ARG C 139 -2.31 0.54 -1.64
N ASN C 140 -1.20 0.93 -2.29
CA ASN C 140 0.02 0.14 -2.35
C ASN C 140 1.04 0.62 -1.33
N ALA C 141 2.27 0.11 -1.44
CA ALA C 141 3.34 0.48 -0.53
C ALA C 141 3.68 1.96 -0.51
N ASN C 142 3.26 2.75 -1.50
CA ASN C 142 3.46 4.23 -1.43
C ASN C 142 2.18 4.96 -0.94
N PHE C 143 1.18 4.18 -0.51
CA PHE C 143 -0.10 4.71 -0.12
C PHE C 143 -0.84 5.42 -1.29
N LYS C 144 -0.59 4.98 -2.51
CA LYS C 144 -1.32 5.47 -3.68
C LYS C 144 -2.24 4.37 -4.12
N PHE C 145 -3.47 4.75 -4.54
CA PHE C 145 -4.37 3.76 -5.18
C PHE C 145 -3.69 3.17 -6.37
N THR C 146 -3.68 1.85 -6.42
CA THR C 146 -2.82 1.20 -7.42
C THR C 146 -3.37 1.50 -8.84
N ASP C 147 -2.47 1.83 -9.76
CA ASP C 147 -2.81 2.00 -11.19
C ASP C 147 -3.13 0.69 -11.94
N HIS C 148 -2.54 -0.40 -11.47
CA HIS C 148 -2.69 -1.67 -12.11
C HIS C 148 -3.11 -2.69 -11.01
N LEU C 149 -3.89 -3.66 -11.44
CA LEU C 149 -4.42 -4.64 -10.51
C LEU C 149 -3.33 -5.56 -10.01
N LYS C 150 -3.49 -5.97 -8.76
CA LYS C 150 -2.50 -6.77 -8.04
C LYS C 150 -3.32 -7.72 -7.17
N TYR C 151 -2.71 -8.80 -6.71
CA TYR C 151 -3.39 -9.64 -5.78
C TYR C 151 -2.48 -10.12 -4.65
N VAL C 152 -3.09 -10.66 -3.60
CA VAL C 152 -2.33 -11.38 -2.58
C VAL C 152 -2.81 -12.83 -2.54
N MET C 153 -1.83 -13.70 -2.45
CA MET C 153 -2.03 -15.11 -2.27
C MET C 153 -1.84 -15.39 -0.78
N LEU C 154 -2.86 -15.91 -0.14
CA LEU C 154 -2.91 -15.99 1.38
C LEU C 154 -3.68 -17.18 1.88
N PRO C 155 -3.29 -17.74 3.07
CA PRO C 155 -4.03 -18.79 3.72
C PRO C 155 -5.08 -18.27 4.71
N VAL C 156 -6.18 -18.99 4.83
CA VAL C 156 -7.09 -18.78 5.94
C VAL C 156 -6.38 -19.09 7.28
N ALA C 157 -6.53 -18.21 8.26
CA ALA C 157 -5.83 -18.32 9.50
C ALA C 157 -6.77 -18.80 10.58
N ASP C 158 -6.19 -19.29 11.64
CA ASP C 158 -6.91 -19.76 12.84
C ASP C 158 -7.70 -18.63 13.47
N GLN C 159 -8.99 -18.85 13.65
CA GLN C 159 -9.94 -17.83 14.12
C GLN C 159 -9.57 -17.30 15.54
N ASP C 160 -9.22 -18.20 16.44
CA ASP C 160 -8.83 -17.80 17.79
C ASP C 160 -7.55 -16.99 17.79
N GLN C 161 -6.60 -17.36 16.91
CA GLN C 161 -5.34 -16.57 16.85
C GLN C 161 -5.70 -15.14 16.44
N CYS C 162 -6.56 -15.03 15.43
CA CYS C 162 -6.90 -13.72 14.85
C CYS C 162 -7.69 -12.91 15.91
N ILE C 163 -8.59 -13.56 16.63
CA ILE C 163 -9.35 -12.85 17.71
C ILE C 163 -8.44 -12.34 18.81
N ARG C 164 -7.42 -13.12 19.14
CA ARG C 164 -6.53 -12.71 20.23
C ARG C 164 -5.69 -11.53 19.74
N HIS C 165 -5.28 -11.59 18.47
CA HIS C 165 -4.53 -10.50 17.89
C HIS C 165 -5.19 -9.11 18.00
N TYR C 166 -6.47 -9.04 17.70
CA TYR C 166 -7.19 -7.77 17.60
C TYR C 166 -7.92 -7.46 18.88
N GLU C 167 -8.28 -8.50 19.65
CA GLU C 167 -9.12 -8.31 20.83
C GLU C 167 -8.55 -8.82 22.18
N GLY C 168 -7.34 -9.36 22.10
CA GLY C 168 -6.60 -9.87 23.27
C GLY C 168 -7.11 -11.19 23.78
N SER C 169 -8.39 -11.52 23.68
CA SER C 169 -8.91 -12.71 24.31
C SER C 169 -10.15 -13.12 23.61
N THR C 170 -10.45 -14.42 23.61
CA THR C 170 -11.77 -14.91 23.18
C THR C 170 -12.88 -14.72 24.22
N VAL C 171 -12.49 -14.37 25.43
CA VAL C 171 -13.45 -14.23 26.51
C VAL C 171 -13.93 -12.79 26.59
N PRO C 172 -15.28 -12.58 26.50
CA PRO C 172 -15.79 -11.24 26.36
C PRO C 172 -15.30 -10.29 27.45
N GLU C 173 -15.32 -10.73 28.70
CA GLU C 173 -14.87 -9.82 29.78
C GLU C 173 -13.39 -9.55 29.80
N LYS C 174 -12.58 -10.33 29.06
CA LYS C 174 -11.15 -9.99 28.98
C LYS C 174 -10.75 -9.19 27.74
N LYS C 175 -11.69 -8.87 26.84
CA LYS C 175 -11.33 -8.22 25.57
C LYS C 175 -10.95 -6.82 25.82
N THR C 176 -9.99 -6.36 25.02
CA THR C 176 -9.50 -4.99 25.03
C THR C 176 -9.24 -4.67 23.57
N PRO C 177 -9.33 -3.39 23.16
CA PRO C 177 -9.01 -3.09 21.74
C PRO C 177 -7.52 -3.14 21.47
N LYS C 178 -7.03 -4.24 20.96
CA LYS C 178 -5.59 -4.44 20.71
C LYS C 178 -5.15 -4.26 19.30
N SER C 179 -6.02 -3.84 18.36
CA SER C 179 -5.60 -3.74 17.01
C SER C 179 -4.32 -2.90 16.89
N PRO C 180 -3.27 -3.44 16.28
CA PRO C 180 -2.07 -2.69 15.97
C PRO C 180 -2.28 -1.40 15.12
N VAL C 181 -3.40 -1.25 14.42
CA VAL C 181 -3.62 -0.07 13.58
C VAL C 181 -4.63 0.93 14.16
N GLY C 182 -5.13 0.62 15.33
CA GLY C 182 -5.91 1.54 16.12
C GLY C 182 -7.37 1.58 15.70
N VAL C 183 -7.76 0.70 14.77
CA VAL C 183 -9.18 0.44 14.49
C VAL C 183 -9.44 -1.06 14.49
N GLN C 184 -10.62 -1.37 15.00
CA GLN C 184 -11.05 -2.76 15.27
C GLN C 184 -11.86 -3.35 14.14
N PRO C 185 -11.55 -4.55 13.71
CA PRO C 185 -12.38 -5.21 12.68
C PRO C 185 -13.66 -5.70 13.33
N ILE C 186 -14.63 -6.04 12.48
CA ILE C 186 -15.80 -6.78 12.87
C ILE C 186 -15.42 -8.24 12.76
N LEU C 187 -15.38 -8.89 13.91
CA LEU C 187 -14.99 -10.26 14.04
C LEU C 187 -16.01 -11.10 14.69
N ASN C 188 -16.45 -12.16 14.04
CA ASN C 188 -17.44 -13.04 14.64
C ASN C 188 -17.50 -14.40 13.85
N GLU C 189 -18.52 -15.20 14.14
CA GLU C 189 -18.68 -16.53 13.59
C GLU C 189 -19.07 -16.38 12.08
N HIS C 190 -19.48 -15.18 11.65
CA HIS C 190 -19.71 -14.92 10.23
C HIS C 190 -18.48 -14.49 9.41
N THR C 191 -17.32 -14.39 10.05
CA THR C 191 -16.11 -13.93 9.37
C THR C 191 -14.98 -14.95 9.43
N PHE C 192 -13.98 -14.82 8.56
CA PHE C 192 -12.68 -15.50 8.72
C PHE C 192 -11.53 -14.50 8.45
N CYS C 193 -10.37 -14.86 8.94
CA CYS C 193 -9.22 -14.06 8.85
C CYS C 193 -8.30 -14.74 7.89
N ALA C 194 -7.55 -13.94 7.15
CA ALA C 194 -6.48 -14.49 6.38
C ALA C 194 -5.17 -13.76 6.52
N GLY C 195 -4.09 -14.54 6.45
CA GLY C 195 -2.71 -14.01 6.53
C GLY C 195 -1.77 -14.93 7.25
N MET C 196 -0.50 -14.52 7.29
CA MET C 196 0.62 -15.21 7.96
C MET C 196 1.58 -14.10 8.49
N SER C 197 2.44 -14.39 9.48
CA SER C 197 3.46 -13.41 9.91
C SER C 197 4.53 -13.29 8.87
N LYS C 198 4.50 -12.19 8.12
CA LYS C 198 5.53 -11.98 7.13
C LYS C 198 5.51 -10.53 6.81
N TYR C 199 6.65 -9.85 6.81
CA TYR C 199 6.65 -8.47 6.22
C TYR C 199 6.36 -8.46 4.72
N GLN C 200 5.16 -8.03 4.34
CA GLN C 200 4.74 -8.33 2.99
C GLN C 200 3.96 -7.20 2.49
N GLU C 201 3.65 -7.37 1.22
CA GLU C 201 2.55 -6.73 0.62
C GLU C 201 1.33 -7.34 1.35
N ASP C 202 0.40 -6.48 1.74
CA ASP C 202 -0.77 -6.92 2.51
C ASP C 202 -1.92 -6.19 1.85
N THR C 203 -3.16 -6.52 2.19
CA THR C 203 -4.25 -5.73 1.74
C THR C 203 -4.21 -4.43 2.53
N CYS C 204 -4.74 -3.37 1.94
CA CYS C 204 -4.73 -2.06 2.60
C CYS C 204 -5.90 -1.21 2.00
N TYR C 205 -5.98 0.06 2.35
CA TYR C 205 -7.18 0.86 2.15
C TYR C 205 -7.71 0.87 0.69
N GLY C 206 -8.96 0.42 0.53
CA GLY C 206 -9.63 0.34 -0.71
C GLY C 206 -9.81 -1.08 -1.24
N ASP C 207 -9.10 -2.00 -0.66
CA ASP C 207 -9.21 -3.41 -1.07
C ASP C 207 -10.52 -4.10 -0.61
N ALA C 208 -11.12 -3.62 0.46
CA ALA C 208 -12.39 -4.15 0.92
C ALA C 208 -13.36 -4.20 -0.24
N GLY C 209 -14.22 -5.20 -0.19
CA GLY C 209 -15.25 -5.44 -1.21
C GLY C 209 -14.79 -6.42 -2.22
N SER C 210 -13.51 -6.70 -2.21
CA SER C 210 -12.94 -7.66 -3.14
C SER C 210 -13.08 -9.08 -2.62
N ALA C 211 -13.04 -10.07 -3.51
CA ALA C 211 -13.23 -11.48 -3.13
C ALA C 211 -11.96 -12.17 -2.77
N PHE C 212 -12.02 -12.94 -1.69
CA PHE C 212 -11.13 -14.06 -1.39
C PHE C 212 -11.62 -15.24 -2.24
N ALA C 213 -10.94 -15.43 -3.36
CA ALA C 213 -11.33 -16.39 -4.36
C ALA C 213 -10.60 -17.70 -4.13
N VAL C 214 -11.36 -18.78 -4.16
CA VAL C 214 -10.84 -20.14 -4.11
C VAL C 214 -11.12 -20.89 -5.41
N HIS C 215 -10.10 -21.55 -5.94
CA HIS C 215 -10.21 -22.32 -7.14
C HIS C 215 -10.48 -23.75 -6.78
N ASP C 216 -11.72 -24.17 -7.02
CA ASP C 216 -12.12 -25.57 -6.84
C ASP C 216 -11.54 -26.38 -7.99
N LEU C 217 -10.54 -27.19 -7.66
CA LEU C 217 -9.77 -27.92 -8.71
C LEU C 217 -10.59 -29.09 -9.34
N GLU C 218 -11.55 -29.64 -8.62
CA GLU C 218 -12.37 -30.72 -9.22
C GLU C 218 -13.29 -30.17 -10.30
N GLU C 219 -13.96 -29.05 -10.03
CA GLU C 219 -14.83 -28.45 -11.01
C GLU C 219 -14.06 -27.56 -11.92
N ASP C 220 -12.85 -27.20 -11.54
CA ASP C 220 -12.16 -26.13 -12.26
C ASP C 220 -13.04 -24.86 -12.36
N THR C 221 -13.54 -24.43 -11.23
CA THR C 221 -14.34 -23.21 -11.14
C THR C 221 -13.83 -22.31 -10.01
N TRP C 222 -14.00 -21.01 -10.14
CA TRP C 222 -13.62 -20.06 -9.12
C TRP C 222 -14.84 -19.54 -8.35
N TYR C 223 -14.66 -19.55 -7.04
CA TYR C 223 -15.70 -19.21 -6.11
C TYR C 223 -15.29 -18.10 -5.17
N ALA C 224 -16.22 -17.19 -4.88
CA ALA C 224 -16.02 -16.24 -3.78
C ALA C 224 -16.27 -16.84 -2.43
N THR C 225 -15.20 -17.15 -1.69
CA THR C 225 -15.34 -17.71 -0.36
C THR C 225 -15.49 -16.61 0.72
N GLY C 226 -14.78 -15.47 0.55
CA GLY C 226 -14.95 -14.34 1.39
C GLY C 226 -15.03 -13.05 0.65
N ILE C 227 -15.64 -12.05 1.28
CA ILE C 227 -15.53 -10.64 0.79
C ILE C 227 -14.68 -9.92 1.83
N LEU C 228 -13.60 -9.30 1.40
CA LEU C 228 -12.73 -8.57 2.33
C LEU C 228 -13.47 -7.40 3.01
N SER C 229 -13.44 -7.39 4.34
CA SER C 229 -14.11 -6.38 5.17
C SER C 229 -13.08 -5.45 5.79
N PHE C 230 -12.15 -6.04 6.48
CA PHE C 230 -11.14 -5.25 7.21
C PHE C 230 -9.95 -5.09 6.31
N ASP C 231 -9.90 -3.96 5.61
CA ASP C 231 -8.79 -3.64 4.67
C ASP C 231 -7.74 -2.65 5.27
N LYS C 232 -7.58 -2.68 6.57
CA LYS C 232 -6.76 -1.67 7.25
C LYS C 232 -5.45 -2.28 7.85
N SER C 233 -5.19 -3.55 7.57
CA SER C 233 -4.09 -4.24 8.26
C SER C 233 -2.78 -3.69 7.73
N CYS C 234 -2.70 -3.64 6.41
CA CYS C 234 -1.61 -2.91 5.69
C CYS C 234 -0.18 -3.30 6.15
N ALA C 235 -0.02 -4.55 6.49
CA ALA C 235 1.26 -5.11 6.87
C ALA C 235 1.70 -4.56 8.22
N VAL C 236 0.79 -3.97 8.98
CA VAL C 236 1.08 -3.59 10.34
C VAL C 236 0.38 -4.59 11.27
N ALA C 237 -0.95 -4.68 11.21
CA ALA C 237 -1.66 -5.78 11.81
C ALA C 237 -1.46 -7.00 10.91
N GLU C 238 -1.75 -8.17 11.43
CA GLU C 238 -1.32 -9.38 10.75
C GLU C 238 -2.39 -9.97 9.83
N TYR C 239 -3.67 -9.65 10.03
CA TYR C 239 -4.73 -10.30 9.25
C TYR C 239 -5.80 -9.39 8.66
N GLY C 240 -6.12 -9.72 7.41
CA GLY C 240 -7.39 -9.30 6.80
C GLY C 240 -8.56 -10.08 7.34
N VAL C 241 -9.73 -9.42 7.39
CA VAL C 241 -10.93 -10.06 7.90
C VAL C 241 -11.99 -10.01 6.82
N TYR C 242 -12.58 -11.15 6.54
CA TYR C 242 -13.45 -11.42 5.37
C TYR C 242 -14.80 -11.91 5.85
N VAL C 243 -15.85 -11.42 5.23
CA VAL C 243 -17.20 -11.98 5.40
C VAL C 243 -17.31 -13.29 4.66
N LYS C 244 -17.78 -14.32 5.37
CA LYS C 244 -17.96 -15.64 4.80
C LYS C 244 -19.14 -15.63 3.88
N VAL C 245 -18.91 -15.87 2.61
CA VAL C 245 -20.00 -15.92 1.62
C VAL C 245 -21.07 -16.98 1.93
N THR C 246 -20.64 -18.14 2.44
CA THR C 246 -21.65 -19.15 2.82
C THR C 246 -22.56 -18.62 3.90
N SER C 247 -22.13 -17.67 4.68
CA SER C 247 -23.01 -17.25 5.77
C SER C 247 -24.05 -16.21 5.29
N ILE C 248 -23.94 -15.71 4.05
CA ILE C 248 -24.94 -14.74 3.56
C ILE C 248 -25.68 -15.23 2.30
N GLN C 249 -25.42 -16.47 1.90
CA GLN C 249 -25.87 -17.06 0.62
C GLN C 249 -27.37 -16.97 0.43
N ASP C 250 -28.12 -17.33 1.48
CA ASP C 250 -29.57 -17.33 1.43
C ASP C 250 -30.09 -15.90 1.29
N TRP C 251 -29.55 -14.97 2.08
CA TRP C 251 -29.92 -13.59 1.96
C TRP C 251 -29.58 -13.09 0.58
N VAL C 252 -28.44 -13.49 0.01
CA VAL C 252 -28.12 -12.99 -1.36
C VAL C 252 -29.14 -13.49 -2.41
N GLN C 253 -29.47 -14.76 -2.32
CA GLN C 253 -30.40 -15.39 -3.29
C GLN C 253 -31.81 -14.86 -3.22
N LYS C 254 -32.28 -14.62 -2.01
CA LYS C 254 -33.57 -14.00 -1.83
C LYS C 254 -33.58 -12.61 -2.36
N THR C 255 -32.52 -11.87 -2.05
CA THR C 255 -32.51 -10.49 -2.49
C THR C 255 -32.58 -10.38 -4.03
N ILE C 256 -31.74 -11.15 -4.67
CA ILE C 256 -31.70 -11.14 -6.13
C ILE C 256 -33.06 -11.61 -6.76
N ALA C 257 -33.63 -12.68 -6.18
CA ALA C 257 -34.96 -13.15 -6.59
C ALA C 257 -36.05 -12.08 -6.38
N GLU C 258 -35.97 -11.31 -5.32
CA GLU C 258 -36.89 -10.21 -5.14
C GLU C 258 -36.69 -8.92 -5.92
N ASN C 259 -35.62 -8.67 -6.66
CA ASN C 259 -35.43 -7.26 -7.16
C ASN C 259 -35.09 -7.03 -8.60
C1 NAG D . -30.60 -10.37 11.09
C2 NAG D . -30.76 -11.75 10.45
C3 NAG D . -32.10 -12.32 10.99
C4 NAG D . -32.09 -12.42 12.52
C5 NAG D . -31.85 -10.98 13.01
C6 NAG D . -31.83 -10.96 14.54
C7 NAG D . -30.17 -12.10 8.07
C8 NAG D . -30.61 -11.78 6.66
N2 NAG D . -30.93 -11.60 9.01
O3 NAG D . -32.18 -13.63 10.49
O4 NAG D . -33.28 -13.01 13.08
O5 NAG D . -30.60 -10.54 12.49
O6 NAG D . -30.73 -11.75 14.99
O7 NAG D . -29.14 -12.73 8.25
C1 FUC D . -31.24 -12.82 15.81
C2 FUC D . -30.03 -13.67 16.17
C3 FUC D . -29.14 -12.87 17.10
C4 FUC D . -29.90 -12.38 18.32
C5 FUC D . -31.14 -11.57 17.89
C6 FUC D . -31.91 -11.09 19.14
O2 FUC D . -29.29 -13.91 15.02
O3 FUC D . -27.96 -13.57 17.47
O4 FUC D . -30.33 -13.45 19.09
O5 FUC D . -31.92 -12.33 17.00
CHA HEM E . -0.36 18.96 13.19
CHB HEM E . 2.45 15.15 13.98
CHC HEM E . 2.23 13.98 9.31
CHD HEM E . -0.33 17.92 8.57
C1A HEM E . 0.44 18.03 13.78
C2A HEM E . 0.84 18.10 15.12
C3A HEM E . 1.65 17.05 15.32
C4A HEM E . 1.71 16.30 14.13
CMA HEM E . 2.33 16.68 16.65
CAA HEM E . 0.56 19.19 16.15
CBA HEM E . -0.67 18.87 16.97
CGA HEM E . -0.84 19.93 18.04
O1A HEM E . -0.21 21.04 18.07
O2A HEM E . -1.68 19.64 18.91
C1B HEM E . 2.63 14.49 12.76
C2B HEM E . 3.40 13.25 12.58
C3B HEM E . 3.34 12.91 11.23
C4B HEM E . 2.54 13.98 10.64
CMB HEM E . 4.07 12.56 13.70
CAB HEM E . 3.94 11.83 10.42
CBB HEM E . 4.98 11.08 10.86
C1C HEM E . 1.53 14.96 8.70
C2C HEM E . 1.42 15.10 7.31
C3C HEM E . 0.66 16.22 7.06
C4C HEM E . 0.40 16.79 8.35
CMC HEM E . 1.98 14.16 6.29
CAC HEM E . 0.30 16.87 5.76
CBC HEM E . 0.91 16.71 4.62
C1D HEM E . -0.57 18.49 9.81
C2D HEM E . -1.31 19.79 9.92
C3D HEM E . -1.33 20.08 11.20
C4D HEM E . -0.57 18.96 11.84
CMD HEM E . -1.92 20.60 8.76
CAD HEM E . -2.00 21.29 11.90
CBD HEM E . -1.06 22.46 11.98
CGD HEM E . -1.57 23.54 12.90
O1D HEM E . -1.82 23.37 14.10
O2D HEM E . -1.85 24.64 12.48
NA HEM E . 1.00 16.95 13.18
NB HEM E . 2.11 14.80 11.59
NC HEM E . 0.89 15.98 9.30
ND HEM E . -0.16 18.05 10.96
FE HEM E . 0.92 16.46 11.27
O1 OXY F . 2.58 17.59 11.01
O2 OXY F . 3.05 17.28 9.93
CHA HEM G . 16.72 -6.15 -15.18
CHB HEM G . 16.55 -1.38 -14.79
CHC HEM G . 13.39 -1.68 -11.13
CHD HEM G . 13.85 -6.47 -11.28
C1A HEM G . 16.93 -4.82 -15.38
C2A HEM G . 17.93 -4.29 -16.26
C3A HEM G . 17.88 -2.96 -16.15
C4A HEM G . 16.86 -2.66 -15.19
CMA HEM G . 18.70 -1.94 -16.95
CAA HEM G . 18.80 -5.09 -17.20
CBA HEM G . 17.89 -5.35 -18.43
CGA HEM G . 18.56 -6.05 -19.64
O1A HEM G . 19.62 -6.70 -19.56
O2A HEM G . 18.00 -5.99 -20.77
C1B HEM G . 15.67 -1.06 -13.76
C2B HEM G . 15.41 0.29 -13.40
C3B HEM G . 14.53 0.24 -12.34
C4B HEM G . 14.22 -1.19 -12.13
CMB HEM G . 16.09 1.45 -14.10
CAB HEM G . 13.81 1.27 -11.55
CBB HEM G . 13.75 2.52 -11.85
C1C HEM G . 13.26 -3.05 -10.80
C2C HEM G . 12.62 -3.58 -9.64
C3C HEM G . 12.71 -4.93 -9.70
C4C HEM G . 13.48 -5.21 -10.89
CMC HEM G . 11.94 -2.74 -8.59
CAC HEM G . 12.28 -5.98 -8.74
CBC HEM G . 11.68 -5.82 -7.55
C1D HEM G . 14.67 -6.76 -12.37
C2D HEM G . 15.04 -8.14 -12.72
C3D HEM G . 15.84 -8.05 -13.82
C4D HEM G . 15.94 -6.60 -14.11
CMD HEM G . 14.66 -9.45 -12.02
CAD HEM G . 16.48 -9.21 -14.54
CBD HEM G . 17.94 -9.24 -14.02
CGD HEM G . 18.66 -10.52 -14.44
O1D HEM G . 19.80 -10.80 -14.02
O2D HEM G . 18.13 -11.33 -15.20
NA HEM G . 16.31 -3.80 -14.71
NB HEM G . 14.91 -1.87 -13.04
NC HEM G . 13.78 -4.06 -11.48
ND HEM G . 15.21 -5.86 -13.23
FE HEM G . 15.03 -3.94 -13.15
O1 OXY H . 16.45 -4.01 -12.50
O2 OXY H . 16.68 -3.73 -11.34
C1 GOL I . 10.91 -14.61 -10.88
O1 GOL I . 11.32 -14.13 -9.61
C2 GOL I . 9.76 -13.73 -11.25
O2 GOL I . 10.20 -12.72 -12.19
C3 GOL I . 8.69 -14.62 -11.84
O3 GOL I . 7.63 -13.85 -12.34
S SO4 J . 4.81 -14.11 -10.23
O1 SO4 J . 4.95 -15.24 -9.32
O2 SO4 J . 3.66 -13.31 -9.75
O3 SO4 J . 4.30 -14.68 -11.53
O4 SO4 J . 5.92 -13.18 -10.33
C1 GOL K . -29.00 -1.44 11.57
O1 GOL K . -28.86 -0.16 11.16
C2 GOL K . -27.56 -1.95 11.45
O2 GOL K . -26.72 -1.43 12.52
C3 GOL K . -27.82 -3.41 11.61
O3 GOL K . -26.65 -4.13 12.01
AS CAC L . 0.76 -17.47 11.02
O1 CAC L . 1.83 -17.53 12.41
O2 CAC L . 0.21 -15.84 10.80
C1 CAC L . 1.80 -17.95 9.35
C2 CAC L . -1.00 -18.26 11.54
#